data_2LE9
#
_entry.id   2LE9
#
loop_
_entity.id
_entity.type
_entity.pdbx_description
1 polymer 'Advanced glycosylation end product-specific receptor'
2 polymer 'Protein S100-A13'
#
loop_
_entity_poly.entity_id
_entity_poly.type
_entity_poly.pdbx_seq_one_letter_code
_entity_poly.pdbx_strand_id
1 'polypeptide(L)'
;LEEVQLVVEPEGGAVAPGGTVTLTCEVPAQPSPQIHWMKDGVPLPLPPSPVLILPEIGPQDQGTYSCVATHSSHGPQESR
AVSISIIEPGEEG
;
A,D
2 'polypeptide(L)'
;AAEPLTELEESIETVVTTFFTFARQEGRKDSLSVNEFKELVTQQLPHLLKDVGSLDEKMKSLDVNQDSELKFNEYWRLIG
ELAKEIRKKKDLKIRKK
;
B,C
#
# COMPACT_ATOMS: atom_id res chain seq x y z
N LEU A 1 11.31 16.92 -31.73
CA LEU A 1 11.93 15.57 -31.78
C LEU A 1 11.34 14.68 -30.69
N GLU A 2 11.43 13.37 -30.89
CA GLU A 2 10.92 12.42 -29.93
C GLU A 2 12.06 11.71 -29.20
N GLU A 3 11.89 11.50 -27.90
CA GLU A 3 12.90 10.83 -27.09
C GLU A 3 12.89 9.33 -27.41
N VAL A 4 11.71 8.82 -27.69
CA VAL A 4 11.52 7.42 -28.04
C VAL A 4 10.60 7.32 -29.26
N GLN A 5 11.15 6.84 -30.36
CA GLN A 5 10.38 6.70 -31.59
C GLN A 5 9.73 5.33 -31.68
N LEU A 6 8.44 5.27 -31.41
CA LEU A 6 7.70 4.02 -31.45
C LEU A 6 7.17 3.77 -32.87
N VAL A 7 7.89 2.95 -33.61
CA VAL A 7 7.51 2.63 -34.99
C VAL A 7 6.98 1.20 -35.07
N VAL A 8 5.73 1.08 -35.45
CA VAL A 8 5.11 -0.23 -35.58
C VAL A 8 5.02 -0.62 -37.05
N GLU A 9 5.17 -1.91 -37.34
CA GLU A 9 5.07 -2.38 -38.72
C GLU A 9 3.71 -1.98 -39.31
N PRO A 10 2.58 -2.40 -38.68
CA PRO A 10 1.26 -1.99 -39.16
C PRO A 10 0.91 -0.61 -38.61
N GLU A 11 1.12 0.42 -39.42
CA GLU A 11 0.90 1.82 -39.02
C GLU A 11 -0.51 2.06 -38.48
N GLY A 12 -1.46 1.19 -38.84
CA GLY A 12 -2.82 1.34 -38.38
C GLY A 12 -2.93 1.20 -36.87
N GLY A 13 -2.34 0.15 -36.33
CA GLY A 13 -2.39 -0.08 -34.90
C GLY A 13 -3.20 -1.30 -34.55
N ALA A 14 -4.27 -1.53 -35.29
CA ALA A 14 -5.12 -2.69 -35.06
C ALA A 14 -4.95 -3.71 -36.17
N VAL A 15 -5.04 -4.98 -35.82
CA VAL A 15 -4.89 -6.07 -36.78
C VAL A 15 -5.99 -7.10 -36.60
N ALA A 16 -5.98 -8.11 -37.45
CA ALA A 16 -6.97 -9.17 -37.39
C ALA A 16 -6.45 -10.28 -36.47
N PRO A 17 -7.34 -11.16 -35.96
CA PRO A 17 -6.94 -12.26 -35.08
C PRO A 17 -5.86 -13.13 -35.71
N GLY A 18 -4.71 -13.20 -35.04
CA GLY A 18 -3.61 -13.98 -35.56
C GLY A 18 -2.64 -13.15 -36.38
N GLY A 19 -2.80 -11.84 -36.33
CA GLY A 19 -1.93 -10.95 -37.08
C GLY A 19 -0.59 -10.76 -36.40
N THR A 20 0.41 -10.33 -37.16
CA THR A 20 1.74 -10.10 -36.63
C THR A 20 2.04 -8.61 -36.50
N VAL A 21 2.37 -8.19 -35.29
CA VAL A 21 2.69 -6.78 -35.03
C VAL A 21 4.10 -6.66 -34.48
N THR A 22 4.95 -5.95 -35.20
CA THR A 22 6.32 -5.75 -34.79
C THR A 22 6.49 -4.36 -34.18
N LEU A 23 6.93 -4.33 -32.94
CA LEU A 23 7.15 -3.08 -32.22
C LEU A 23 8.62 -2.67 -32.32
N THR A 24 8.87 -1.58 -33.02
CA THR A 24 10.24 -1.10 -33.20
C THR A 24 10.42 0.26 -32.52
N CYS A 25 11.18 0.29 -31.45
CA CYS A 25 11.40 1.54 -30.74
C CYS A 25 12.85 2.00 -30.87
N GLU A 26 13.05 3.04 -31.67
CA GLU A 26 14.38 3.58 -31.89
C GLU A 26 14.50 4.97 -31.28
N VAL A 27 15.70 5.51 -31.28
CA VAL A 27 15.94 6.83 -30.73
C VAL A 27 16.71 7.68 -31.73
N PRO A 28 16.03 8.63 -32.40
CA PRO A 28 16.65 9.49 -33.40
C PRO A 28 17.38 10.67 -32.78
N ALA A 29 17.96 10.46 -31.61
CA ALA A 29 18.69 11.50 -30.91
C ALA A 29 19.88 10.93 -30.16
N GLN A 30 19.73 9.70 -29.68
CA GLN A 30 20.78 9.03 -28.92
C GLN A 30 20.79 7.55 -29.27
N PRO A 31 21.95 6.88 -29.13
CA PRO A 31 22.08 5.44 -29.41
C PRO A 31 21.04 4.63 -28.66
N SER A 32 20.59 3.53 -29.26
CA SER A 32 19.59 2.67 -28.65
C SER A 32 20.06 2.12 -27.30
N PRO A 33 19.41 2.55 -26.21
CA PRO A 33 19.74 2.13 -24.86
C PRO A 33 18.85 1.01 -24.35
N GLN A 34 18.74 0.88 -23.04
CA GLN A 34 17.90 -0.13 -22.42
C GLN A 34 16.43 0.18 -22.63
N ILE A 35 15.78 -0.55 -23.52
CA ILE A 35 14.37 -0.35 -23.81
C ILE A 35 13.51 -1.31 -22.99
N HIS A 36 12.73 -0.76 -22.07
CA HIS A 36 11.85 -1.57 -21.24
C HIS A 36 10.50 -1.73 -21.93
N TRP A 37 10.08 -2.96 -22.14
CA TRP A 37 8.80 -3.22 -22.79
C TRP A 37 7.66 -3.14 -21.80
N MET A 38 6.85 -2.09 -21.95
CA MET A 38 5.71 -1.88 -21.07
C MET A 38 4.43 -1.87 -21.89
N LYS A 39 3.40 -2.52 -21.39
CA LYS A 39 2.13 -2.55 -22.09
C LYS A 39 1.00 -2.25 -21.12
N ASP A 40 0.37 -1.11 -21.31
CA ASP A 40 -0.75 -0.70 -20.47
C ASP A 40 -1.88 -1.69 -20.65
N GLY A 41 -2.05 -2.55 -19.66
CA GLY A 41 -3.05 -3.58 -19.73
C GLY A 41 -2.39 -4.93 -19.86
N VAL A 42 -1.89 -5.43 -18.73
CA VAL A 42 -1.20 -6.71 -18.65
C VAL A 42 0.15 -6.63 -19.38
N PRO A 43 1.17 -6.07 -18.72
CA PRO A 43 2.52 -5.95 -19.28
C PRO A 43 3.24 -7.29 -19.30
N LEU A 44 3.92 -7.57 -20.40
CA LEU A 44 4.64 -8.83 -20.56
C LEU A 44 6.09 -8.69 -20.12
N PRO A 45 6.65 -9.72 -19.47
CA PRO A 45 8.05 -9.73 -19.01
C PRO A 45 9.03 -10.03 -20.14
N LEU A 46 8.95 -9.26 -21.21
CA LEU A 46 9.82 -9.44 -22.36
C LEU A 46 11.15 -8.75 -22.14
N PRO A 47 12.26 -9.40 -22.56
CA PRO A 47 13.61 -8.83 -22.42
C PRO A 47 13.77 -7.57 -23.27
N PRO A 48 14.58 -6.61 -22.78
CA PRO A 48 14.82 -5.35 -23.49
C PRO A 48 15.34 -5.56 -24.91
N SER A 49 14.47 -5.31 -25.88
CA SER A 49 14.81 -5.49 -27.29
C SER A 49 14.25 -4.32 -28.09
N PRO A 50 15.02 -3.81 -29.06
CA PRO A 50 14.58 -2.69 -29.90
C PRO A 50 13.42 -3.06 -30.83
N VAL A 51 13.44 -4.31 -31.31
CA VAL A 51 12.40 -4.79 -32.21
C VAL A 51 11.68 -5.99 -31.61
N LEU A 52 10.47 -5.77 -31.12
CA LEU A 52 9.68 -6.83 -30.52
C LEU A 52 8.72 -7.41 -31.55
N ILE A 53 8.93 -8.66 -31.91
CA ILE A 53 8.08 -9.33 -32.89
C ILE A 53 6.98 -10.10 -32.20
N LEU A 54 5.74 -9.68 -32.38
CA LEU A 54 4.61 -10.37 -31.78
C LEU A 54 3.70 -10.92 -32.87
N PRO A 55 3.98 -12.15 -33.33
CA PRO A 55 3.21 -12.81 -34.37
C PRO A 55 2.01 -13.57 -33.82
N GLU A 56 0.95 -13.62 -34.62
CA GLU A 56 -0.28 -14.31 -34.23
C GLU A 56 -0.83 -13.76 -32.92
N ILE A 57 -1.05 -12.45 -32.90
CA ILE A 57 -1.57 -11.78 -31.71
C ILE A 57 -2.98 -12.26 -31.40
N GLY A 58 -3.18 -12.67 -30.15
CA GLY A 58 -4.47 -13.14 -29.73
C GLY A 58 -5.24 -12.10 -28.93
N PRO A 59 -6.41 -12.46 -28.40
CA PRO A 59 -7.27 -11.53 -27.63
C PRO A 59 -6.63 -11.04 -26.33
N GLN A 60 -5.72 -11.81 -25.77
CA GLN A 60 -5.07 -11.43 -24.52
C GLN A 60 -3.77 -10.69 -24.78
N ASP A 61 -3.29 -10.74 -26.02
CA ASP A 61 -2.04 -10.08 -26.37
C ASP A 61 -2.24 -8.60 -26.66
N GLN A 62 -3.50 -8.21 -26.80
CA GLN A 62 -3.86 -6.81 -27.08
C GLN A 62 -3.42 -5.90 -25.92
N GLY A 63 -3.27 -4.61 -26.21
CA GLY A 63 -2.88 -3.67 -25.19
C GLY A 63 -2.11 -2.49 -25.72
N THR A 64 -2.05 -1.43 -24.93
CA THR A 64 -1.34 -0.21 -25.31
C THR A 64 0.16 -0.39 -25.06
N TYR A 65 0.93 -0.50 -26.14
CA TYR A 65 2.36 -0.71 -26.02
C TYR A 65 3.15 0.59 -25.86
N SER A 66 4.14 0.55 -24.97
CA SER A 66 5.01 1.68 -24.68
C SER A 66 6.43 1.17 -24.45
N CYS A 67 7.42 1.94 -24.88
CA CYS A 67 8.81 1.54 -24.68
C CYS A 67 9.55 2.54 -23.81
N VAL A 68 9.90 2.12 -22.61
CA VAL A 68 10.61 2.97 -21.68
C VAL A 68 12.11 2.85 -21.92
N ALA A 69 12.64 3.74 -22.75
CA ALA A 69 14.05 3.72 -23.08
C ALA A 69 14.86 4.52 -22.07
N THR A 70 15.80 3.86 -21.42
CA THR A 70 16.65 4.50 -20.42
C THR A 70 17.79 5.25 -21.09
N HIS A 71 17.61 6.54 -21.31
CA HIS A 71 18.64 7.37 -21.93
C HIS A 71 19.61 7.86 -20.88
N SER A 72 20.60 8.63 -21.30
CA SER A 72 21.59 9.18 -20.39
C SER A 72 20.93 10.23 -19.49
N SER A 73 20.25 11.18 -20.12
CA SER A 73 19.57 12.24 -19.41
C SER A 73 18.18 11.79 -18.97
N HIS A 74 17.38 11.34 -19.92
CA HIS A 74 16.03 10.88 -19.65
C HIS A 74 16.03 9.39 -19.35
N GLY A 75 16.12 9.06 -18.06
CA GLY A 75 16.14 7.66 -17.63
C GLY A 75 14.85 6.93 -17.98
N PRO A 76 13.89 6.88 -17.05
CA PRO A 76 12.62 6.20 -17.30
C PRO A 76 11.70 7.03 -18.19
N GLN A 77 12.06 7.11 -19.46
CA GLN A 77 11.30 7.87 -20.43
C GLN A 77 10.32 6.99 -21.18
N GLU A 78 9.04 7.15 -20.89
CA GLU A 78 7.99 6.39 -21.55
C GLU A 78 7.68 7.03 -22.91
N SER A 79 6.97 6.32 -23.75
CA SER A 79 6.62 6.82 -25.07
C SER A 79 5.11 6.94 -25.22
N ARG A 80 4.65 7.07 -26.46
CA ARG A 80 3.24 7.17 -26.74
C ARG A 80 2.63 5.78 -26.76
N ALA A 81 1.71 5.51 -25.85
CA ALA A 81 1.07 4.21 -25.77
C ALA A 81 0.19 3.96 -26.98
N VAL A 82 0.65 3.07 -27.86
CA VAL A 82 -0.11 2.73 -29.06
C VAL A 82 -1.09 1.60 -28.76
N SER A 83 -2.37 1.83 -29.05
CA SER A 83 -3.42 0.86 -28.80
C SER A 83 -3.39 -0.30 -29.78
N ILE A 84 -2.47 -1.25 -29.55
CA ILE A 84 -2.38 -2.43 -30.39
C ILE A 84 -3.52 -3.38 -30.03
N SER A 85 -4.51 -3.45 -30.89
CA SER A 85 -5.66 -4.30 -30.62
C SER A 85 -6.09 -5.07 -31.87
N ILE A 86 -7.10 -5.91 -31.70
CA ILE A 86 -7.63 -6.71 -32.78
C ILE A 86 -8.99 -6.20 -33.24
N ILE A 87 -9.20 -6.18 -34.53
CA ILE A 87 -10.44 -5.72 -35.11
C ILE A 87 -11.04 -6.81 -36.01
N GLU A 88 -12.13 -6.48 -36.67
CA GLU A 88 -12.78 -7.41 -37.58
C GLU A 88 -11.89 -7.67 -38.79
N PRO A 89 -12.06 -8.83 -39.47
CA PRO A 89 -11.26 -9.19 -40.65
C PRO A 89 -11.10 -8.03 -41.63
N GLY A 90 -9.88 -7.54 -41.75
CA GLY A 90 -9.57 -6.44 -42.63
C GLY A 90 -8.16 -5.95 -42.43
N GLU A 91 -7.80 -4.86 -43.07
CA GLU A 91 -6.45 -4.32 -42.94
C GLU A 91 -6.51 -2.81 -42.79
N GLU A 92 -5.68 -2.26 -41.90
CA GLU A 92 -5.63 -0.83 -41.68
C GLU A 92 -4.61 -0.20 -42.60
N GLY A 93 -5.08 0.60 -43.55
CA GLY A 93 -4.21 1.25 -44.48
C GLY A 93 -4.79 1.26 -45.87
N ALA B 1 17.59 10.77 -7.40
CA ALA B 1 16.68 9.68 -7.81
C ALA B 1 16.27 8.83 -6.61
N ALA B 2 17.09 8.82 -5.57
CA ALA B 2 16.81 8.03 -4.37
C ALA B 2 17.49 8.68 -3.17
N GLU B 3 17.14 9.92 -2.92
CA GLU B 3 17.71 10.69 -1.82
C GLU B 3 17.12 10.26 -0.49
N PRO B 4 17.91 10.38 0.60
CA PRO B 4 17.48 10.02 1.95
C PRO B 4 16.08 10.52 2.28
N LEU B 5 15.17 9.58 2.50
CA LEU B 5 13.79 9.91 2.79
C LEU B 5 13.54 10.02 4.29
N THR B 6 12.28 10.15 4.68
CA THR B 6 11.93 10.27 6.09
C THR B 6 11.99 8.91 6.79
N GLU B 7 11.84 8.94 8.11
CA GLU B 7 11.91 7.74 8.96
C GLU B 7 11.02 6.60 8.47
N LEU B 8 9.78 6.89 8.13
CA LEU B 8 8.86 5.85 7.68
C LEU B 8 9.07 5.48 6.21
N GLU B 9 9.75 6.33 5.47
CA GLU B 9 9.98 6.06 4.06
C GLU B 9 11.25 5.25 3.85
N GLU B 10 12.22 5.41 4.75
CA GLU B 10 13.47 4.67 4.63
C GLU B 10 13.24 3.19 4.92
N SER B 11 12.23 2.90 5.76
CA SER B 11 11.91 1.53 6.11
C SER B 11 11.46 0.76 4.87
N ILE B 12 10.54 1.34 4.10
CA ILE B 12 10.05 0.71 2.90
C ILE B 12 11.08 0.77 1.78
N GLU B 13 11.89 1.83 1.77
CA GLU B 13 12.94 1.99 0.76
C GLU B 13 13.94 0.85 0.88
N THR B 14 14.23 0.43 2.11
CA THR B 14 15.16 -0.65 2.36
C THR B 14 14.78 -1.90 1.55
N VAL B 15 13.47 -2.12 1.42
CA VAL B 15 12.97 -3.25 0.65
C VAL B 15 13.12 -2.98 -0.85
N VAL B 16 12.88 -1.74 -1.23
CA VAL B 16 12.98 -1.32 -2.62
C VAL B 16 14.40 -1.52 -3.16
N THR B 17 15.40 -1.19 -2.35
CA THR B 17 16.79 -1.36 -2.75
C THR B 17 17.06 -2.81 -3.13
N THR B 18 16.65 -3.73 -2.27
CA THR B 18 16.82 -5.15 -2.51
C THR B 18 16.04 -5.59 -3.75
N PHE B 19 14.82 -5.10 -3.86
CA PHE B 19 13.95 -5.41 -4.99
C PHE B 19 14.61 -4.99 -6.30
N PHE B 20 15.10 -3.75 -6.33
CA PHE B 20 15.76 -3.21 -7.52
C PHE B 20 17.04 -3.99 -7.84
N THR B 21 17.74 -4.42 -6.80
CA THR B 21 18.98 -5.17 -6.96
C THR B 21 18.77 -6.43 -7.81
N PHE B 22 17.78 -7.22 -7.45
CA PHE B 22 17.50 -8.46 -8.17
C PHE B 22 16.73 -8.17 -9.46
N ALA B 23 16.08 -7.01 -9.52
CA ALA B 23 15.31 -6.63 -10.70
C ALA B 23 16.23 -6.29 -11.86
N ARG B 24 17.29 -5.54 -11.58
CA ARG B 24 18.24 -5.13 -12.61
C ARG B 24 19.26 -6.24 -12.90
N GLN B 25 19.07 -7.38 -12.25
CA GLN B 25 19.97 -8.51 -12.42
C GLN B 25 19.79 -9.17 -13.79
N GLU B 26 18.57 -9.09 -14.31
CA GLU B 26 18.28 -9.70 -15.61
C GLU B 26 17.49 -8.74 -16.49
N GLY B 27 16.88 -9.29 -17.54
CA GLY B 27 16.07 -8.49 -18.44
C GLY B 27 14.83 -7.95 -17.77
N ARG B 28 14.35 -6.81 -18.25
CA ARG B 28 13.17 -6.16 -17.68
C ARG B 28 13.47 -5.76 -16.23
N LYS B 29 14.39 -4.80 -16.08
CA LYS B 29 14.83 -4.33 -14.77
C LYS B 29 13.79 -3.45 -14.07
N ASP B 30 12.53 -3.70 -14.35
CA ASP B 30 11.44 -2.94 -13.73
C ASP B 30 10.86 -3.74 -12.58
N SER B 31 10.94 -5.06 -12.72
CA SER B 31 10.41 -5.97 -11.71
C SER B 31 11.27 -7.24 -11.66
N LEU B 32 10.80 -8.25 -10.94
CA LEU B 32 11.52 -9.50 -10.82
C LEU B 32 10.89 -10.57 -11.71
N SER B 33 11.69 -11.51 -12.17
CA SER B 33 11.22 -12.58 -13.03
C SER B 33 11.04 -13.87 -12.23
N VAL B 34 10.54 -14.92 -12.89
CA VAL B 34 10.30 -16.20 -12.25
C VAL B 34 11.59 -16.88 -11.80
N ASN B 35 12.67 -16.64 -12.54
CA ASN B 35 13.96 -17.23 -12.20
C ASN B 35 14.48 -16.64 -10.90
N GLU B 36 14.40 -15.32 -10.81
CA GLU B 36 14.84 -14.60 -9.62
C GLU B 36 13.99 -15.00 -8.42
N PHE B 37 12.71 -15.22 -8.67
CA PHE B 37 11.78 -15.63 -7.62
C PHE B 37 12.20 -16.99 -7.07
N LYS B 38 12.50 -17.91 -7.98
CA LYS B 38 12.92 -19.26 -7.61
C LYS B 38 14.18 -19.22 -6.75
N GLU B 39 15.18 -18.49 -7.22
CA GLU B 39 16.44 -18.36 -6.50
C GLU B 39 16.25 -17.65 -5.18
N LEU B 40 15.42 -16.61 -5.16
CA LEU B 40 15.18 -15.86 -3.95
C LEU B 40 14.60 -16.74 -2.85
N VAL B 41 13.57 -17.51 -3.19
CA VAL B 41 12.92 -18.38 -2.22
C VAL B 41 13.85 -19.43 -1.63
N THR B 42 14.49 -20.21 -2.49
CA THR B 42 15.37 -21.29 -2.05
C THR B 42 16.75 -20.83 -1.54
N GLN B 43 17.28 -19.75 -2.08
CA GLN B 43 18.61 -19.31 -1.68
C GLN B 43 18.58 -18.20 -0.63
N GLN B 44 17.59 -17.31 -0.68
CA GLN B 44 17.54 -16.20 0.26
C GLN B 44 16.43 -16.33 1.30
N LEU B 45 15.44 -17.17 1.04
CA LEU B 45 14.32 -17.32 1.98
C LEU B 45 14.21 -18.70 2.66
N PRO B 46 15.27 -19.53 2.80
CA PRO B 46 15.13 -20.84 3.47
C PRO B 46 14.86 -20.66 4.96
N HIS B 47 15.27 -19.50 5.48
CA HIS B 47 15.08 -19.17 6.88
C HIS B 47 13.76 -18.42 7.08
N LEU B 48 13.32 -17.74 6.03
CA LEU B 48 12.09 -16.97 6.08
C LEU B 48 10.87 -17.86 5.83
N LEU B 49 10.90 -18.61 4.73
CA LEU B 49 9.81 -19.47 4.38
C LEU B 49 10.13 -20.91 4.76
N LYS B 50 9.10 -21.64 5.20
CA LYS B 50 9.27 -23.03 5.60
C LYS B 50 9.25 -23.95 4.38
N ASP B 51 8.92 -23.39 3.24
CA ASP B 51 8.85 -24.16 2.00
C ASP B 51 9.63 -23.46 0.90
N VAL B 52 10.64 -24.14 0.38
CA VAL B 52 11.46 -23.59 -0.69
C VAL B 52 11.37 -24.46 -1.94
N GLY B 53 10.51 -25.47 -1.89
CA GLY B 53 10.35 -26.37 -3.01
C GLY B 53 9.07 -26.12 -3.78
N SER B 54 7.99 -25.89 -3.05
CA SER B 54 6.70 -25.64 -3.68
C SER B 54 6.47 -24.14 -3.87
N LEU B 55 7.43 -23.50 -4.52
CA LEU B 55 7.35 -22.06 -4.76
C LEU B 55 6.33 -21.75 -5.86
N ASP B 56 5.89 -22.79 -6.56
CA ASP B 56 4.94 -22.67 -7.66
C ASP B 56 3.65 -21.99 -7.21
N GLU B 57 3.07 -22.47 -6.10
CA GLU B 57 1.83 -21.92 -5.58
C GLU B 57 2.02 -20.45 -5.16
N LYS B 58 3.12 -20.17 -4.47
CA LYS B 58 3.40 -18.81 -4.02
C LYS B 58 3.62 -17.90 -5.22
N MET B 59 4.32 -18.41 -6.22
CA MET B 59 4.61 -17.65 -7.44
C MET B 59 3.32 -17.41 -8.23
N LYS B 60 2.50 -18.45 -8.33
CA LYS B 60 1.23 -18.34 -9.07
C LYS B 60 0.29 -17.34 -8.40
N SER B 61 0.40 -17.22 -7.08
CA SER B 61 -0.45 -16.30 -6.33
C SER B 61 -0.15 -14.86 -6.75
N LEU B 62 1.09 -14.61 -7.15
CA LEU B 62 1.50 -13.29 -7.58
C LEU B 62 1.38 -13.17 -9.10
N ASP B 63 1.46 -14.32 -9.77
CA ASP B 63 1.33 -14.37 -11.23
C ASP B 63 -0.08 -13.98 -11.63
N VAL B 64 -1.04 -14.61 -10.93
CA VAL B 64 -2.50 -14.41 -11.09
C VAL B 64 -2.98 -14.24 -12.55
N ASN B 65 -2.71 -13.10 -13.18
CA ASN B 65 -3.16 -12.85 -14.55
C ASN B 65 -2.14 -13.37 -15.56
N GLN B 66 -1.30 -14.32 -15.14
CA GLN B 66 -0.27 -14.90 -15.99
C GLN B 66 0.75 -13.84 -16.38
N ASP B 67 1.01 -12.94 -15.44
CA ASP B 67 1.95 -11.86 -15.63
C ASP B 67 3.37 -12.39 -15.71
N SER B 68 3.69 -13.36 -14.84
CA SER B 68 5.01 -13.96 -14.76
C SER B 68 6.07 -12.90 -14.47
N GLU B 69 5.61 -11.80 -13.89
CA GLU B 69 6.46 -10.69 -13.54
C GLU B 69 6.09 -10.17 -12.17
N LEU B 70 7.05 -10.12 -11.27
CA LEU B 70 6.80 -9.65 -9.92
C LEU B 70 6.87 -8.12 -9.88
N LYS B 71 5.83 -7.50 -10.42
CA LYS B 71 5.74 -6.04 -10.48
C LYS B 71 5.05 -5.48 -9.24
N PHE B 72 4.87 -4.16 -9.23
CA PHE B 72 4.22 -3.47 -8.13
C PHE B 72 2.80 -3.99 -7.91
N ASN B 73 2.32 -3.85 -6.68
CA ASN B 73 0.99 -4.30 -6.27
C ASN B 73 0.91 -5.81 -6.17
N GLU B 74 1.24 -6.51 -7.25
CA GLU B 74 1.20 -7.96 -7.25
C GLU B 74 2.30 -8.54 -6.36
N TYR B 75 3.49 -7.96 -6.41
CA TYR B 75 4.59 -8.42 -5.58
C TYR B 75 4.31 -8.11 -4.11
N TRP B 76 3.49 -7.09 -3.88
CA TRP B 76 3.10 -6.68 -2.54
C TRP B 76 2.36 -7.82 -1.84
N ARG B 77 1.67 -8.64 -2.63
CA ARG B 77 0.93 -9.77 -2.10
C ARG B 77 1.85 -10.72 -1.34
N LEU B 78 3.08 -10.87 -1.82
CA LEU B 78 4.05 -11.73 -1.18
C LEU B 78 4.73 -10.98 -0.03
N ILE B 79 5.00 -9.70 -0.25
CA ILE B 79 5.64 -8.86 0.76
C ILE B 79 4.80 -8.84 2.03
N GLY B 80 3.48 -8.80 1.85
CA GLY B 80 2.57 -8.80 2.98
C GLY B 80 2.64 -10.10 3.76
N GLU B 81 3.03 -11.16 3.08
CA GLU B 81 3.17 -12.47 3.72
C GLU B 81 4.52 -12.53 4.42
N LEU B 82 5.55 -12.03 3.74
CA LEU B 82 6.90 -12.02 4.26
C LEU B 82 7.00 -11.20 5.54
N ALA B 83 6.53 -9.96 5.48
CA ALA B 83 6.57 -9.05 6.63
C ALA B 83 5.70 -9.56 7.77
N LYS B 84 4.82 -10.48 7.46
CA LYS B 84 3.93 -11.06 8.44
C LYS B 84 4.55 -12.33 9.02
N GLU B 85 5.13 -13.16 8.16
CA GLU B 85 5.76 -14.41 8.58
C GLU B 85 6.99 -14.15 9.43
N ILE B 86 7.70 -13.07 9.16
CA ILE B 86 8.90 -12.74 9.93
C ILE B 86 8.56 -12.47 11.39
N ARG B 87 7.29 -12.19 11.66
CA ARG B 87 6.85 -11.89 13.01
C ARG B 87 5.90 -12.96 13.56
N LYS B 88 4.99 -13.46 12.73
CA LYS B 88 4.02 -14.45 13.19
C LYS B 88 4.26 -15.84 12.60
N LYS B 89 5.53 -16.12 12.21
CA LYS B 89 5.88 -17.44 11.67
C LYS B 89 5.37 -18.53 12.60
N LYS B 90 5.94 -18.55 13.79
CA LYS B 90 5.55 -19.49 14.82
C LYS B 90 5.86 -18.87 16.17
N ASP B 91 5.96 -17.55 16.17
CA ASP B 91 6.28 -16.77 17.36
C ASP B 91 5.05 -16.56 18.23
N LEU B 92 4.02 -17.37 18.01
CA LEU B 92 2.81 -17.28 18.81
C LEU B 92 3.13 -17.72 20.24
N LYS B 93 4.25 -18.41 20.36
CA LYS B 93 4.75 -18.89 21.63
C LYS B 93 6.24 -18.55 21.75
N ILE B 94 6.98 -18.74 20.64
CA ILE B 94 8.41 -18.44 20.60
C ILE B 94 8.99 -18.89 19.24
N ARG B 95 9.74 -17.99 18.60
CA ARG B 95 10.37 -18.29 17.32
C ARG B 95 11.57 -17.38 17.10
N LYS B 96 11.37 -16.08 17.25
CA LYS B 96 12.46 -15.14 17.05
C LYS B 96 13.38 -15.11 18.27
N LYS B 97 14.15 -16.17 18.42
CA LYS B 97 15.08 -16.29 19.52
C LYS B 97 16.47 -15.86 19.07
N ALA C 1 15.44 -12.97 20.35
CA ALA C 1 15.61 -11.58 19.88
C ALA C 1 15.80 -11.55 18.37
N ALA C 2 15.82 -10.35 17.81
CA ALA C 2 15.99 -10.18 16.37
C ALA C 2 17.46 -10.33 16.00
N GLU C 3 17.87 -11.57 15.78
CA GLU C 3 19.24 -11.87 15.40
C GLU C 3 19.45 -11.50 13.93
N PRO C 4 20.72 -11.27 13.52
CA PRO C 4 21.05 -10.92 12.12
C PRO C 4 20.39 -11.87 11.13
N LEU C 5 19.44 -11.34 10.37
CA LEU C 5 18.71 -12.13 9.40
C LEU C 5 19.36 -12.07 8.01
N THR C 6 18.75 -12.76 7.06
CA THR C 6 19.27 -12.82 5.70
C THR C 6 18.96 -11.52 4.93
N GLU C 7 19.55 -11.39 3.74
CA GLU C 7 19.37 -10.22 2.89
C GLU C 7 17.90 -9.94 2.59
N LEU C 8 17.09 -10.98 2.53
CA LEU C 8 15.67 -10.83 2.23
C LEU C 8 14.83 -10.68 3.50
N GLU C 9 15.45 -10.88 4.65
CA GLU C 9 14.74 -10.75 5.91
C GLU C 9 15.08 -9.43 6.59
N GLU C 10 16.30 -8.95 6.37
CA GLU C 10 16.75 -7.69 6.96
C GLU C 10 15.97 -6.53 6.36
N SER C 11 15.59 -6.67 5.11
CA SER C 11 14.83 -5.64 4.41
C SER C 11 13.49 -5.39 5.09
N ILE C 12 12.81 -6.47 5.44
CA ILE C 12 11.52 -6.37 6.11
C ILE C 12 11.71 -6.12 7.60
N GLU C 13 12.88 -6.51 8.12
CA GLU C 13 13.20 -6.32 9.52
C GLU C 13 13.22 -4.82 9.84
N THR C 14 13.79 -4.04 8.94
CA THR C 14 13.87 -2.59 9.11
C THR C 14 12.47 -2.00 9.36
N VAL C 15 11.48 -2.60 8.71
CA VAL C 15 10.10 -2.16 8.87
C VAL C 15 9.60 -2.56 10.26
N VAL C 16 9.97 -3.76 10.69
CA VAL C 16 9.56 -4.28 11.98
C VAL C 16 10.17 -3.47 13.13
N THR C 17 11.46 -3.16 13.02
CA THR C 17 12.14 -2.38 14.06
C THR C 17 11.50 -1.01 14.23
N THR C 18 11.26 -0.33 13.10
CA THR C 18 10.65 0.98 13.12
C THR C 18 9.23 0.90 13.68
N PHE C 19 8.53 -0.17 13.31
CA PHE C 19 7.16 -0.40 13.77
C PHE C 19 7.13 -0.58 15.28
N PHE C 20 7.98 -1.45 15.79
CA PHE C 20 8.06 -1.72 17.23
C PHE C 20 8.35 -0.44 18.01
N THR C 21 9.09 0.46 17.38
CA THR C 21 9.45 1.73 18.00
C THR C 21 8.19 2.51 18.40
N PHE C 22 7.19 2.49 17.53
CA PHE C 22 5.95 3.19 17.81
C PHE C 22 4.97 2.30 18.59
N ALA C 23 5.14 1.00 18.43
CA ALA C 23 4.27 0.03 19.11
C ALA C 23 4.51 0.05 20.62
N ARG C 24 5.75 0.29 21.03
CA ARG C 24 6.08 0.32 22.45
C ARG C 24 5.96 1.73 23.02
N GLN C 25 5.51 2.66 22.19
CA GLN C 25 5.34 4.06 22.62
C GLN C 25 4.15 4.18 23.55
N GLU C 26 3.01 3.66 23.13
CA GLU C 26 1.80 3.71 23.93
C GLU C 26 1.61 2.39 24.66
N GLY C 27 0.39 2.15 25.12
CA GLY C 27 0.09 0.90 25.80
C GLY C 27 -0.09 -0.21 24.80
N ARG C 28 0.17 -1.44 25.23
CA ARG C 28 0.06 -2.61 24.36
C ARG C 28 1.15 -2.58 23.31
N LYS C 29 2.36 -2.91 23.73
CA LYS C 29 3.53 -2.93 22.84
C LYS C 29 3.43 -4.05 21.82
N ASP C 30 2.52 -3.90 20.87
CA ASP C 30 2.30 -4.90 19.84
C ASP C 30 1.69 -4.27 18.60
N SER C 31 0.78 -3.34 18.81
CA SER C 31 0.12 -2.66 17.71
C SER C 31 0.17 -1.15 17.91
N LEU C 32 -0.07 -0.40 16.84
CA LEU C 32 -0.07 1.05 16.90
C LEU C 32 -1.49 1.54 17.17
N SER C 33 -1.62 2.59 17.96
CA SER C 33 -2.94 3.14 18.26
C SER C 33 -3.30 4.26 17.30
N VAL C 34 -4.50 4.83 17.48
CA VAL C 34 -4.97 5.91 16.61
C VAL C 34 -4.09 7.15 16.77
N ASN C 35 -3.49 7.29 17.95
CA ASN C 35 -2.62 8.42 18.23
C ASN C 35 -1.39 8.33 17.34
N GLU C 36 -0.72 7.19 17.41
CA GLU C 36 0.47 6.93 16.61
C GLU C 36 0.15 7.01 15.13
N PHE C 37 -1.04 6.54 14.75
CA PHE C 37 -1.47 6.58 13.36
C PHE C 37 -1.49 8.01 12.84
N LYS C 38 -2.15 8.89 13.58
CA LYS C 38 -2.24 10.30 13.18
C LYS C 38 -0.87 10.96 13.27
N GLU C 39 -0.13 10.66 14.34
CA GLU C 39 1.19 11.22 14.54
C GLU C 39 2.14 10.85 13.41
N LEU C 40 1.98 9.65 12.88
CA LEU C 40 2.81 9.19 11.79
C LEU C 40 2.40 9.86 10.49
N VAL C 41 1.12 9.78 10.16
CA VAL C 41 0.60 10.36 8.93
C VAL C 41 0.91 11.86 8.80
N THR C 42 0.62 12.62 9.84
CA THR C 42 0.82 14.07 9.81
C THR C 42 2.21 14.50 10.30
N GLN C 43 3.22 13.67 10.11
CA GLN C 43 4.57 14.04 10.55
C GLN C 43 5.64 13.18 9.90
N GLN C 44 5.50 11.87 9.99
CA GLN C 44 6.48 10.95 9.44
C GLN C 44 6.08 10.47 8.06
N LEU C 45 4.90 10.88 7.60
CA LEU C 45 4.42 10.49 6.28
C LEU C 45 3.88 11.66 5.43
N PRO C 46 4.39 12.91 5.54
CA PRO C 46 3.88 14.02 4.74
C PRO C 46 4.48 14.01 3.34
N HIS C 47 5.60 13.31 3.22
CA HIS C 47 6.31 13.17 1.96
C HIS C 47 5.92 11.85 1.30
N LEU C 48 5.40 10.95 2.12
CA LEU C 48 4.98 9.63 1.66
C LEU C 48 3.53 9.65 1.20
N LEU C 49 2.64 10.09 2.08
CA LEU C 49 1.22 10.16 1.74
C LEU C 49 0.89 11.53 1.18
N LYS C 50 0.02 11.55 0.17
CA LYS C 50 -0.39 12.80 -0.47
C LYS C 50 -1.52 13.45 0.33
N ASP C 51 -1.90 12.80 1.42
CA ASP C 51 -2.98 13.29 2.28
C ASP C 51 -2.64 13.02 3.73
N VAL C 52 -2.53 14.09 4.50
CA VAL C 52 -2.20 13.98 5.92
C VAL C 52 -3.36 14.44 6.79
N GLY C 53 -4.46 14.80 6.14
CA GLY C 53 -5.62 15.27 6.86
C GLY C 53 -6.58 14.15 7.17
N SER C 54 -7.09 13.52 6.13
CA SER C 54 -8.02 12.43 6.29
C SER C 54 -7.27 11.16 6.69
N LEU C 55 -7.76 10.50 7.73
CA LEU C 55 -7.12 9.29 8.21
C LEU C 55 -8.15 8.28 8.71
N ASP C 56 -9.35 8.76 8.99
CA ASP C 56 -10.42 7.90 9.49
C ASP C 56 -10.87 6.90 8.44
N GLU C 57 -10.83 7.29 7.19
CA GLU C 57 -11.24 6.42 6.10
C GLU C 57 -10.18 5.34 5.85
N LYS C 58 -8.92 5.76 5.83
CA LYS C 58 -7.82 4.84 5.60
C LYS C 58 -7.64 3.89 6.77
N MET C 59 -7.78 4.40 7.98
CA MET C 59 -7.63 3.58 9.19
C MET C 59 -8.70 2.50 9.26
N LYS C 60 -9.96 2.89 9.07
CA LYS C 60 -11.06 1.94 9.14
C LYS C 60 -11.00 0.92 7.99
N SER C 61 -10.14 1.18 7.02
CA SER C 61 -9.97 0.27 5.90
C SER C 61 -8.95 -0.81 6.28
N LEU C 62 -8.23 -0.56 7.37
CA LEU C 62 -7.24 -1.50 7.87
C LEU C 62 -7.91 -2.47 8.83
N ASP C 63 -8.28 -1.97 9.99
CA ASP C 63 -8.95 -2.79 10.99
C ASP C 63 -10.46 -2.63 10.86
N VAL C 64 -11.00 -3.23 9.81
CA VAL C 64 -12.44 -3.18 9.53
C VAL C 64 -13.26 -3.85 10.64
N ASN C 65 -12.56 -4.54 11.54
CA ASN C 65 -13.20 -5.22 12.64
C ASN C 65 -13.28 -4.30 13.86
N GLN C 66 -12.91 -3.03 13.67
CA GLN C 66 -12.91 -2.03 14.73
C GLN C 66 -12.01 -2.49 15.88
N ASP C 67 -10.72 -2.39 15.66
CA ASP C 67 -9.74 -2.83 16.64
C ASP C 67 -8.99 -1.65 17.21
N SER C 68 -8.73 -0.65 16.35
CA SER C 68 -7.99 0.55 16.73
C SER C 68 -6.54 0.19 17.07
N GLU C 69 -6.17 -1.01 16.69
CA GLU C 69 -4.84 -1.54 16.91
C GLU C 69 -4.26 -1.97 15.58
N LEU C 70 -3.32 -1.19 15.06
CA LEU C 70 -2.71 -1.53 13.80
C LEU C 70 -1.67 -2.62 14.00
N LYS C 71 -2.15 -3.87 13.99
CA LYS C 71 -1.28 -5.03 14.20
C LYS C 71 -0.99 -5.72 12.87
N PHE C 72 -0.41 -6.91 12.95
CA PHE C 72 -0.06 -7.70 11.77
C PHE C 72 -1.29 -7.98 10.91
N ASN C 73 -1.07 -7.95 9.59
CA ASN C 73 -2.13 -8.19 8.59
C ASN C 73 -3.05 -6.97 8.45
N GLU C 74 -3.54 -6.47 9.57
CA GLU C 74 -4.40 -5.30 9.57
C GLU C 74 -3.65 -4.09 9.02
N TYR C 75 -2.46 -3.85 9.58
CA TYR C 75 -1.62 -2.73 9.17
C TYR C 75 -0.96 -3.00 7.81
N TRP C 76 -0.95 -4.27 7.41
CA TRP C 76 -0.35 -4.68 6.14
C TRP C 76 -1.02 -3.98 4.97
N ARG C 77 -2.32 -3.73 5.11
CA ARG C 77 -3.08 -3.06 4.06
C ARG C 77 -2.50 -1.67 3.76
N LEU C 78 -2.02 -1.00 4.80
CA LEU C 78 -1.43 0.33 4.63
C LEU C 78 0.02 0.19 4.18
N ILE C 79 0.71 -0.79 4.74
CA ILE C 79 2.11 -1.05 4.41
C ILE C 79 2.25 -1.28 2.90
N GLY C 80 1.30 -2.01 2.33
CA GLY C 80 1.31 -2.29 0.91
C GLY C 80 1.18 -1.04 0.07
N GLU C 81 0.31 -0.14 0.50
CA GLU C 81 0.10 1.11 -0.22
C GLU C 81 1.33 1.98 -0.07
N LEU C 82 1.93 1.96 1.11
CA LEU C 82 3.13 2.73 1.39
C LEU C 82 4.28 2.27 0.49
N ALA C 83 4.45 0.95 0.40
CA ALA C 83 5.49 0.36 -0.42
C ALA C 83 5.16 0.51 -1.91
N LYS C 84 3.93 0.90 -2.19
CA LYS C 84 3.50 1.09 -3.57
C LYS C 84 3.74 2.54 -3.96
N GLU C 85 3.42 3.47 -3.06
CA GLU C 85 3.60 4.89 -3.30
C GLU C 85 5.06 5.23 -3.50
N ILE C 86 5.94 4.45 -2.88
CA ILE C 86 7.37 4.69 -3.01
C ILE C 86 7.83 4.38 -4.44
N ARG C 87 6.94 3.78 -5.22
CA ARG C 87 7.25 3.43 -6.59
C ARG C 87 6.30 4.15 -7.58
N LYS C 88 5.05 4.33 -7.19
CA LYS C 88 4.07 4.97 -8.08
C LYS C 88 3.29 6.11 -7.39
N LYS C 89 3.94 6.84 -6.51
CA LYS C 89 3.30 7.96 -5.81
C LYS C 89 2.74 8.96 -6.83
N LYS C 90 3.58 9.27 -7.80
CA LYS C 90 3.25 10.19 -8.88
C LYS C 90 4.45 10.25 -9.83
N ASP C 91 5.20 9.16 -9.86
CA ASP C 91 6.41 9.07 -10.68
C ASP C 91 6.06 8.61 -12.09
N LEU C 92 4.87 8.98 -12.55
CA LEU C 92 4.42 8.63 -13.89
C LEU C 92 5.14 9.50 -14.91
N LYS C 93 5.88 10.47 -14.39
CA LYS C 93 6.67 11.38 -15.20
C LYS C 93 7.94 11.77 -14.45
N ILE C 94 7.78 12.07 -13.16
CA ILE C 94 8.91 12.43 -12.30
C ILE C 94 8.45 12.80 -10.88
N ARG C 95 8.99 12.12 -9.90
CA ARG C 95 8.68 12.38 -8.50
C ARG C 95 9.95 12.29 -7.66
N LYS C 96 10.69 11.20 -7.85
CA LYS C 96 11.93 11.00 -7.13
C LYS C 96 13.10 11.62 -7.91
N LYS C 97 13.29 12.91 -7.69
CA LYS C 97 14.35 13.65 -8.36
C LYS C 97 15.67 13.43 -7.62
N LEU D 1 -19.19 -7.97 29.47
CA LEU D 1 -18.60 -6.84 30.24
C LEU D 1 -18.32 -5.66 29.31
N GLU D 2 -18.55 -4.46 29.82
CA GLU D 2 -18.33 -3.25 29.04
C GLU D 2 -16.90 -2.74 29.21
N GLU D 3 -16.08 -2.94 28.18
CA GLU D 3 -14.69 -2.50 28.21
C GLU D 3 -14.61 -0.98 28.03
N VAL D 4 -15.56 -0.43 27.27
CA VAL D 4 -15.62 1.00 27.02
C VAL D 4 -17.05 1.49 27.20
N GLN D 5 -17.32 2.13 28.32
CA GLN D 5 -18.66 2.63 28.62
C GLN D 5 -18.83 4.05 28.08
N LEU D 6 -19.34 4.14 26.86
CA LEU D 6 -19.60 5.42 26.22
C LEU D 6 -21.00 5.88 26.57
N VAL D 7 -21.09 6.88 27.43
CA VAL D 7 -22.37 7.41 27.86
C VAL D 7 -22.53 8.86 27.40
N VAL D 8 -23.51 9.08 26.56
CA VAL D 8 -23.79 10.42 26.07
C VAL D 8 -24.94 11.01 26.87
N GLU D 9 -24.84 12.29 27.22
CA GLU D 9 -25.91 12.93 27.99
C GLU D 9 -27.25 12.80 27.26
N PRO D 10 -27.37 13.34 26.03
CA PRO D 10 -28.60 13.21 25.25
C PRO D 10 -28.66 11.82 24.62
N GLU D 11 -29.26 10.88 25.35
CA GLU D 11 -29.35 9.49 24.90
C GLU D 11 -30.07 9.35 23.56
N GLY D 12 -30.72 10.41 23.12
CA GLY D 12 -31.42 10.38 21.84
C GLY D 12 -30.45 10.27 20.67
N GLY D 13 -29.21 10.70 20.90
CA GLY D 13 -28.21 10.65 19.85
C GLY D 13 -28.28 11.84 18.92
N ALA D 14 -29.47 12.05 18.35
CA ALA D 14 -29.69 13.16 17.44
C ALA D 14 -30.13 14.39 18.22
N VAL D 15 -29.55 15.53 17.89
CA VAL D 15 -29.87 16.78 18.57
C VAL D 15 -30.22 17.88 17.57
N ALA D 16 -30.53 19.05 18.09
CA ALA D 16 -30.88 20.20 17.27
C ALA D 16 -29.64 21.07 17.05
N PRO D 17 -29.64 21.95 16.03
CA PRO D 17 -28.51 22.83 15.75
C PRO D 17 -28.13 23.67 16.96
N GLY D 18 -26.91 23.48 17.45
CA GLY D 18 -26.44 24.21 18.60
C GLY D 18 -26.62 23.44 19.89
N GLY D 19 -26.94 22.16 19.77
CA GLY D 19 -27.13 21.32 20.95
C GLY D 19 -25.83 21.03 21.67
N THR D 20 -25.93 20.64 22.93
CA THR D 20 -24.75 20.34 23.73
C THR D 20 -24.73 18.86 24.10
N VAL D 21 -23.78 18.14 23.51
CA VAL D 21 -23.65 16.71 23.77
C VAL D 21 -22.37 16.42 24.57
N THR D 22 -22.55 15.81 25.73
CA THR D 22 -21.44 15.45 26.58
C THR D 22 -21.09 13.98 26.38
N LEU D 23 -19.88 13.73 25.91
CA LEU D 23 -19.40 12.37 25.66
C LEU D 23 -18.58 11.87 26.84
N THR D 24 -19.13 10.91 27.58
CA THR D 24 -18.43 10.35 28.72
C THR D 24 -17.98 8.92 28.41
N CYS D 25 -16.68 8.70 28.37
CA CYS D 25 -16.14 7.38 28.08
C CYS D 25 -15.24 6.90 29.20
N GLU D 26 -15.76 5.99 30.01
CA GLU D 26 -15.02 5.44 31.12
C GLU D 26 -15.20 3.93 31.17
N VAL D 27 -14.65 3.28 32.19
CA VAL D 27 -14.78 1.84 32.32
C VAL D 27 -15.32 1.47 33.70
N PRO D 28 -16.45 0.75 33.75
CA PRO D 28 -17.06 0.32 35.01
C PRO D 28 -16.41 -0.95 35.56
N ALA D 29 -15.38 -1.41 34.87
CA ALA D 29 -14.66 -2.61 35.27
C ALA D 29 -13.25 -2.26 35.73
N GLN D 30 -12.52 -1.58 34.86
CA GLN D 30 -11.15 -1.17 35.15
C GLN D 30 -11.09 0.35 35.25
N PRO D 31 -10.06 0.90 35.92
CA PRO D 31 -9.91 2.36 36.07
C PRO D 31 -9.78 3.07 34.73
N SER D 32 -10.31 4.29 34.66
CA SER D 32 -10.27 5.09 33.44
C SER D 32 -8.82 5.41 33.03
N PRO D 33 -8.36 4.83 31.91
CA PRO D 33 -7.02 5.04 31.40
C PRO D 33 -6.94 6.15 30.36
N GLN D 34 -5.97 6.07 29.46
CA GLN D 34 -5.82 7.06 28.40
C GLN D 34 -6.87 6.83 27.33
N ILE D 35 -7.94 7.60 27.39
CA ILE D 35 -9.03 7.50 26.44
C ILE D 35 -8.82 8.46 25.27
N HIS D 36 -8.51 7.90 24.11
CA HIS D 36 -8.30 8.71 22.90
C HIS D 36 -9.64 8.88 22.20
N TRP D 37 -9.86 10.05 21.63
CA TRP D 37 -11.12 10.30 20.95
C TRP D 37 -11.01 10.00 19.46
N MET D 38 -11.99 9.25 18.97
CA MET D 38 -12.06 8.88 17.58
C MET D 38 -13.46 9.16 17.06
N LYS D 39 -13.54 9.79 15.90
CA LYS D 39 -14.82 10.10 15.30
C LYS D 39 -14.71 9.98 13.80
N ASP D 40 -15.50 9.10 13.21
CA ASP D 40 -15.49 8.92 11.76
C ASP D 40 -15.92 10.22 11.11
N GLY D 41 -15.38 10.49 9.93
CA GLY D 41 -15.71 11.71 9.24
C GLY D 41 -14.96 12.87 9.85
N VAL D 42 -13.63 12.74 9.89
CA VAL D 42 -12.74 13.75 10.45
C VAL D 42 -12.91 13.85 11.97
N PRO D 43 -11.97 13.28 12.74
CA PRO D 43 -12.02 13.31 14.19
C PRO D 43 -11.64 14.68 14.76
N LEU D 44 -12.02 14.95 15.99
CA LEU D 44 -11.72 16.22 16.62
C LEU D 44 -10.36 16.15 17.33
N PRO D 45 -9.47 17.11 17.03
CA PRO D 45 -8.14 17.15 17.64
C PRO D 45 -8.18 17.67 19.08
N LEU D 46 -8.65 16.83 19.98
CA LEU D 46 -8.75 17.20 21.39
C LEU D 46 -7.94 16.22 22.24
N PRO D 47 -7.43 16.68 23.39
CA PRO D 47 -6.63 15.84 24.28
C PRO D 47 -7.43 14.69 24.89
N PRO D 48 -6.79 13.54 25.17
CA PRO D 48 -7.45 12.37 25.77
C PRO D 48 -8.14 12.72 27.08
N SER D 49 -9.45 12.94 27.02
CA SER D 49 -10.23 13.30 28.20
C SER D 49 -11.39 12.33 28.37
N PRO D 50 -11.69 11.93 29.61
CA PRO D 50 -12.80 11.01 29.88
C PRO D 50 -14.17 11.62 29.60
N VAL D 51 -14.28 12.93 29.78
CA VAL D 51 -15.54 13.63 29.54
C VAL D 51 -15.35 14.75 28.52
N LEU D 52 -15.86 14.53 27.32
CA LEU D 52 -15.75 15.52 26.25
C LEU D 52 -17.06 16.31 26.13
N ILE D 53 -17.01 17.58 26.43
CA ILE D 53 -18.19 18.43 26.34
C ILE D 53 -18.20 19.19 25.04
N LEU D 54 -19.20 18.95 24.20
CA LEU D 54 -19.32 19.64 22.93
C LEU D 54 -20.60 20.47 22.89
N PRO D 55 -20.52 21.73 23.36
CA PRO D 55 -21.65 22.64 23.38
C PRO D 55 -21.80 23.39 22.06
N GLU D 56 -23.04 23.72 21.72
CA GLU D 56 -23.37 24.46 20.50
C GLU D 56 -22.85 23.71 19.26
N ILE D 57 -23.19 22.42 19.18
CA ILE D 57 -22.77 21.57 18.07
C ILE D 57 -23.29 22.11 16.73
N GLY D 58 -22.36 22.40 15.83
CA GLY D 58 -22.74 22.90 14.52
C GLY D 58 -22.91 21.78 13.52
N PRO D 59 -23.37 22.10 12.30
CA PRO D 59 -23.58 21.10 11.24
C PRO D 59 -22.30 20.36 10.86
N GLN D 60 -21.15 20.95 11.16
CA GLN D 60 -19.87 20.34 10.83
C GLN D 60 -19.26 19.64 12.05
N ASP D 61 -20.05 19.51 13.11
CA ASP D 61 -19.58 18.86 14.34
C ASP D 61 -20.19 17.48 14.47
N GLN D 62 -20.89 17.03 13.44
CA GLN D 62 -21.55 15.73 13.43
C GLN D 62 -20.54 14.61 13.22
N GLY D 63 -20.95 13.38 13.50
CA GLY D 63 -20.07 12.24 13.32
C GLY D 63 -20.29 11.16 14.35
N THR D 64 -19.77 9.98 14.08
CA THR D 64 -19.90 8.86 14.99
C THR D 64 -18.79 8.91 16.04
N TYR D 65 -19.19 9.01 17.30
CA TYR D 65 -18.23 9.09 18.40
C TYR D 65 -17.84 7.71 18.93
N SER D 66 -16.53 7.52 19.08
CA SER D 66 -15.99 6.28 19.61
C SER D 66 -14.83 6.61 20.55
N CYS D 67 -14.66 5.82 21.60
CA CYS D 67 -13.59 6.05 22.55
C CYS D 67 -12.55 4.95 22.50
N VAL D 68 -11.33 5.31 22.13
CA VAL D 68 -10.23 4.36 22.06
C VAL D 68 -9.42 4.43 23.36
N ALA D 69 -9.79 3.59 24.32
CA ALA D 69 -9.12 3.57 25.61
C ALA D 69 -8.09 2.46 25.70
N THR D 70 -6.88 2.83 26.10
CA THR D 70 -5.79 1.88 26.26
C THR D 70 -6.01 1.03 27.52
N HIS D 71 -6.36 -0.23 27.34
CA HIS D 71 -6.61 -1.12 28.47
C HIS D 71 -5.32 -1.82 28.89
N SER D 72 -5.23 -2.19 30.16
CA SER D 72 -4.06 -2.86 30.69
C SER D 72 -3.99 -4.31 30.23
N SER D 73 -5.08 -5.04 30.40
CA SER D 73 -5.16 -6.44 30.00
C SER D 73 -5.16 -6.56 28.48
N HIS D 74 -5.93 -5.71 27.82
CA HIS D 74 -6.01 -5.70 26.38
C HIS D 74 -5.15 -4.58 25.81
N GLY D 75 -5.77 -3.66 25.09
CA GLY D 75 -5.05 -2.54 24.52
C GLY D 75 -5.99 -1.40 24.19
N PRO D 76 -5.58 -0.48 23.30
CA PRO D 76 -6.40 0.66 22.89
C PRO D 76 -7.51 0.23 21.94
N GLN D 77 -8.64 -0.15 22.50
CA GLN D 77 -9.78 -0.60 21.70
C GLN D 77 -10.81 0.50 21.50
N GLU D 78 -11.57 0.39 20.42
CA GLU D 78 -12.60 1.35 20.09
C GLU D 78 -13.91 1.00 20.80
N SER D 79 -15.01 1.57 20.34
CA SER D 79 -16.32 1.31 20.93
C SER D 79 -17.40 1.52 19.88
N ARG D 80 -18.66 1.43 20.31
CA ARG D 80 -19.78 1.62 19.39
C ARG D 80 -19.80 3.06 18.90
N ALA D 81 -19.75 3.22 17.60
CA ALA D 81 -19.75 4.54 16.99
C ALA D 81 -21.14 5.17 16.99
N VAL D 82 -21.40 5.98 18.01
CA VAL D 82 -22.69 6.65 18.14
C VAL D 82 -22.79 7.81 17.16
N SER D 83 -23.73 7.72 16.24
CA SER D 83 -23.91 8.75 15.22
C SER D 83 -24.58 10.01 15.77
N ILE D 84 -23.76 10.94 16.22
CA ILE D 84 -24.28 12.21 16.74
C ILE D 84 -24.58 13.12 15.56
N SER D 85 -25.85 13.19 15.19
CA SER D 85 -26.26 13.99 14.06
C SER D 85 -27.29 15.04 14.47
N ILE D 86 -27.49 16.01 13.59
CA ILE D 86 -28.45 17.08 13.82
C ILE D 86 -29.71 16.83 13.01
N ILE D 87 -30.86 16.88 13.68
CA ILE D 87 -32.13 16.65 13.04
C ILE D 87 -32.97 17.92 13.03
N GLU D 88 -34.27 17.77 12.82
CA GLU D 88 -35.19 18.90 12.82
C GLU D 88 -35.28 19.50 14.22
N PRO D 89 -35.64 20.80 14.33
CA PRO D 89 -35.77 21.48 15.62
C PRO D 89 -36.69 20.74 16.57
N GLY D 90 -36.09 20.13 17.58
CA GLY D 90 -36.84 19.37 18.57
C GLY D 90 -35.92 18.69 19.56
N GLU D 91 -36.50 18.03 20.55
CA GLU D 91 -35.70 17.35 21.55
C GLU D 91 -35.94 15.84 21.49
N GLU D 92 -34.88 15.08 21.74
CA GLU D 92 -34.96 13.62 21.73
C GLU D 92 -34.56 13.05 23.09
N GLY D 93 -35.55 12.81 23.93
CA GLY D 93 -35.29 12.27 25.24
C GLY D 93 -36.52 12.29 26.12
#